data_4KC9
#
_entry.id   4KC9
#
_cell.length_a   96.126
_cell.length_b   96.126
_cell.length_c   151.329
_cell.angle_alpha   90.00
_cell.angle_beta   90.00
_cell.angle_gamma   120.00
#
_symmetry.space_group_name_H-M   'P 63'
#
loop_
_entity.id
_entity.type
_entity.pdbx_description
1 polymer 'E3 ubiquitin-protein ligase ARIH1'
2 non-polymer 'ZINC ION'
#
_entity_poly.entity_id   1
_entity_poly.type   'polypeptide(L)'
_entity_poly.pdbx_seq_one_letter_code
;GS(MSE)DSDEGYNYEFDEDEECSEEDSGAEEEEDEDDDEPDDDTLDLGEVELVEPGLGVGGERDGLLCGETGGGGGSAL
GPGGGGGGGGGGGGGGPGHEQEEDYRYEVLTAEQILQH(MSE)VECIREVNEVIQNPATITRILLSHFNWDKEKL(MSE)
ERYFDGNLEKLFAECHVINPSKKSRTRQ(MSE)NTRSSAQD(MSE)PCQICYLNYPNSYFTGLECGHKFC(MSE)QCWSE
YLTTKI(MSE)EEG(MSE)GQTISCPAHGCDILVDDNTV(MSE)RLITDSKVKLKYQHLITNSFVECNRLLKWCPAPDCH
HVVKVQYPDAKPVRCKCGRQFCFNCGENWHDPVKCKWLKKWIKKCDDDSETSNWIAANTKECPKCHVTIEKDGGCNH
(MSE)VCRNQNCKAEFCWVCLGPWEPHGSAWYNCNRYNEDDAKAARDAQERSRAALQRYLFYCNRY(MSE)NH(MSE)QS
LRFEHKLYAQVKQK(MSE)EE(MSE)QQHN(MSE)SWIEVQFLKKAVDVLCQCRATL(MSE)YTYVFAFYLKKNNQSIIF
ENNQADLENATEVLSGYLERDISQDSLQDIKQKVQDKYRYCESRRRVLLQHVHEGYEKDLWEYIED
;
_entity_poly.pdbx_strand_id   A
#
# COMPACT_ATOMS: atom_id res chain seq x y z
N TYR A 103 -10.63 -13.53 -5.10
CA TYR A 103 -9.35 -12.91 -5.38
C TYR A 103 -8.27 -13.97 -5.58
N GLU A 104 -7.42 -13.76 -6.58
CA GLU A 104 -6.26 -14.62 -6.81
C GLU A 104 -5.00 -13.77 -6.78
N VAL A 105 -3.96 -14.29 -6.13
CA VAL A 105 -2.70 -13.55 -6.01
C VAL A 105 -1.65 -14.09 -6.95
N LEU A 106 -1.16 -13.24 -7.84
CA LEU A 106 -0.15 -13.64 -8.82
C LEU A 106 1.16 -12.89 -8.57
N THR A 107 2.28 -13.47 -8.97
CA THR A 107 3.58 -12.82 -8.83
C THR A 107 3.92 -12.06 -10.10
N ALA A 108 5.06 -11.38 -10.09
CA ALA A 108 5.49 -10.58 -11.22
C ALA A 108 5.96 -11.48 -12.36
N GLU A 109 6.70 -12.52 -11.99
CA GLU A 109 7.19 -13.50 -12.96
C GLU A 109 6.03 -14.21 -13.63
N GLN A 110 5.00 -14.54 -12.86
CA GLN A 110 3.82 -15.22 -13.38
C GLN A 110 3.11 -14.38 -14.43
N ILE A 111 3.18 -13.07 -14.31
CA ILE A 111 2.59 -12.18 -15.31
C ILE A 111 3.45 -12.10 -16.57
N LEU A 112 4.75 -11.88 -16.40
CA LEU A 112 5.66 -11.85 -17.53
C LEU A 112 5.56 -13.16 -18.30
N GLN A 113 5.54 -14.26 -17.56
CA GLN A 113 5.44 -15.58 -18.17
C GLN A 113 4.10 -15.76 -18.86
N HIS A 114 3.02 -15.30 -18.24
CA HIS A 114 1.71 -15.39 -18.86
C HIS A 114 1.72 -14.56 -20.13
N VAL A 116 4.21 -13.80 -21.97
CA VAL A 116 5.02 -14.43 -23.01
C VAL A 116 4.23 -15.51 -23.77
N GLU A 117 3.33 -16.21 -23.08
CA GLU A 117 2.46 -17.15 -23.76
C GLU A 117 1.49 -16.43 -24.68
N CYS A 118 1.11 -15.22 -24.28
CA CYS A 118 0.22 -14.39 -25.10
C CYS A 118 0.99 -13.76 -26.27
N ILE A 119 2.16 -13.18 -25.98
CA ILE A 119 3.00 -12.59 -27.00
C ILE A 119 3.44 -13.60 -28.06
N ARG A 120 3.78 -14.80 -27.63
CA ARG A 120 4.32 -15.82 -28.52
C ARG A 120 3.26 -16.48 -29.38
N GLU A 121 2.09 -16.77 -28.80
CA GLU A 121 1.03 -17.47 -29.51
C GLU A 121 0.50 -16.62 -30.66
N VAL A 122 0.70 -15.32 -30.56
CA VAL A 122 0.23 -14.39 -31.58
C VAL A 122 1.32 -14.09 -32.61
N ASN A 123 2.48 -14.71 -32.41
CA ASN A 123 3.64 -14.49 -33.29
C ASN A 123 3.54 -15.26 -34.60
N GLU A 124 2.45 -16.00 -34.75
CA GLU A 124 2.03 -16.49 -36.06
C GLU A 124 0.93 -15.56 -36.55
N VAL A 125 1.19 -14.87 -37.65
CA VAL A 125 2.40 -15.08 -38.43
C VAL A 125 3.56 -14.11 -38.18
N ILE A 126 3.37 -13.15 -37.28
CA ILE A 126 4.26 -11.99 -37.18
C ILE A 126 5.75 -12.35 -37.23
N GLN A 127 6.11 -13.43 -36.54
CA GLN A 127 7.48 -13.96 -36.60
C GLN A 127 8.53 -13.00 -36.02
N ASN A 128 8.10 -11.76 -35.77
CA ASN A 128 8.91 -10.80 -35.06
C ASN A 128 9.02 -11.30 -33.64
N PRO A 129 10.24 -11.21 -33.07
CA PRO A 129 10.48 -11.81 -31.77
C PRO A 129 9.63 -11.18 -30.67
N ALA A 130 9.51 -11.85 -29.52
CA ALA A 130 8.63 -11.42 -28.44
C ALA A 130 8.76 -9.95 -28.06
N THR A 131 9.97 -9.41 -28.17
CA THR A 131 10.23 -8.01 -27.84
C THR A 131 9.38 -7.04 -28.69
N ILE A 132 9.30 -7.34 -29.98
CA ILE A 132 8.57 -6.49 -30.92
C ILE A 132 7.07 -6.59 -30.72
N THR A 133 6.56 -7.81 -30.72
CA THR A 133 5.12 -8.07 -30.63
C THR A 133 4.43 -7.30 -29.49
N ARG A 134 5.08 -7.20 -28.34
CA ARG A 134 4.47 -6.50 -27.20
C ARG A 134 4.46 -4.99 -27.42
N ILE A 135 5.44 -4.48 -28.15
CA ILE A 135 5.46 -3.08 -28.49
C ILE A 135 4.30 -2.81 -29.44
N LEU A 136 4.08 -3.75 -30.35
CA LEU A 136 2.93 -3.70 -31.24
C LEU A 136 1.65 -3.87 -30.44
N LEU A 137 1.59 -4.91 -29.62
CA LEU A 137 0.41 -5.18 -28.81
C LEU A 137 0.11 -4.04 -27.83
N SER A 138 1.10 -3.19 -27.56
CA SER A 138 0.89 -1.99 -26.75
C SER A 138 0.33 -0.86 -27.60
N HIS A 139 0.84 -0.72 -28.82
CA HIS A 139 0.36 0.30 -29.75
C HIS A 139 -1.13 0.11 -30.06
N PHE A 140 -1.52 -1.14 -30.25
CA PHE A 140 -2.93 -1.50 -30.45
C PHE A 140 -3.61 -1.81 -29.11
N ASN A 141 -2.85 -1.63 -28.04
CA ASN A 141 -3.39 -1.61 -26.68
C ASN A 141 -4.00 -2.91 -26.16
N TRP A 142 -3.41 -4.04 -26.54
CA TRP A 142 -3.77 -5.34 -25.98
C TRP A 142 -5.14 -5.87 -26.33
N ASP A 143 -5.91 -5.08 -27.08
CA ASP A 143 -6.98 -5.65 -27.89
C ASP A 143 -6.24 -6.45 -28.96
N LYS A 144 -6.56 -7.74 -29.05
CA LYS A 144 -5.83 -8.63 -29.94
C LYS A 144 -6.23 -8.48 -31.40
N GLU A 145 -7.48 -8.80 -31.71
CA GLU A 145 -7.97 -8.77 -33.08
C GLU A 145 -7.77 -7.41 -33.76
N LYS A 146 -7.80 -6.35 -32.97
CA LYS A 146 -7.66 -4.99 -33.50
C LYS A 146 -6.26 -4.79 -34.09
N LEU A 147 -5.30 -5.57 -33.60
CA LEU A 147 -3.94 -5.54 -34.12
C LEU A 147 -3.81 -6.34 -35.42
N GLU A 149 -5.70 -7.29 -37.60
CA GLU A 149 -6.35 -6.56 -38.69
C GLU A 149 -5.40 -5.56 -39.35
N ARG A 150 -4.92 -4.59 -38.57
CA ARG A 150 -4.09 -3.50 -39.08
C ARG A 150 -2.84 -3.94 -39.85
N TYR A 151 -2.43 -5.18 -39.64
CA TYR A 151 -1.33 -5.77 -40.41
C TYR A 151 -1.81 -6.22 -41.79
N PHE A 152 -2.94 -6.92 -41.82
CA PHE A 152 -3.48 -7.48 -43.06
C PHE A 152 -3.80 -6.46 -44.17
N ASP A 153 -4.86 -5.68 -43.94
CA ASP A 153 -5.52 -4.93 -45.00
C ASP A 153 -4.68 -3.78 -45.60
N GLY A 154 -3.60 -3.44 -44.92
CA GLY A 154 -2.74 -2.37 -45.39
C GLY A 154 -1.29 -2.62 -45.04
N ASN A 155 -0.43 -1.80 -45.63
CA ASN A 155 1.00 -1.94 -45.46
C ASN A 155 1.43 -1.90 -43.99
N LEU A 156 2.36 -2.78 -43.65
CA LEU A 156 2.84 -2.93 -42.28
C LEU A 156 3.82 -1.81 -41.93
N GLU A 157 4.52 -1.30 -42.93
CA GLU A 157 5.50 -0.23 -42.76
C GLU A 157 4.97 0.94 -41.94
N LYS A 158 3.77 1.38 -42.28
CA LYS A 158 3.11 2.45 -41.54
C LYS A 158 2.81 2.03 -40.11
N LEU A 159 2.35 0.78 -39.95
CA LEU A 159 1.98 0.26 -38.63
C LEU A 159 3.18 0.23 -37.70
N PHE A 160 4.35 -0.09 -38.24
CA PHE A 160 5.58 -0.11 -37.46
C PHE A 160 5.95 1.30 -37.07
N ALA A 161 5.82 2.22 -38.01
CA ALA A 161 6.20 3.61 -37.82
C ALA A 161 5.38 4.33 -36.73
N GLU A 162 4.13 3.88 -36.53
CA GLU A 162 3.27 4.39 -35.47
C GLU A 162 3.79 3.90 -34.12
N CYS A 163 4.31 2.67 -34.11
CA CYS A 163 5.00 2.13 -32.93
C CYS A 163 6.54 2.26 -32.95
N HIS A 164 7.13 2.73 -34.06
CA HIS A 164 8.60 2.79 -34.22
C HIS A 164 9.42 1.68 -33.55
N PRO A 187 39.34 -5.50 -28.00
CA PRO A 187 39.08 -4.87 -26.71
C PRO A 187 37.58 -4.67 -26.48
N CYS A 188 37.21 -4.16 -25.30
CA CYS A 188 35.85 -3.72 -25.02
C CYS A 188 35.63 -2.29 -25.52
N GLN A 189 34.38 -1.95 -25.84
CA GLN A 189 34.05 -0.61 -26.35
C GLN A 189 33.55 0.37 -25.29
N ILE A 190 33.43 -0.08 -24.05
CA ILE A 190 32.96 0.80 -22.97
C ILE A 190 34.07 1.06 -21.95
N CYS A 191 34.52 0.02 -21.27
CA CYS A 191 35.77 0.07 -20.53
C CYS A 191 36.81 -0.60 -21.40
N TYR A 192 37.84 0.12 -21.82
CA TYR A 192 38.68 -0.46 -22.86
C TYR A 192 39.58 -1.50 -22.22
N LEU A 193 39.32 -2.76 -22.57
CA LEU A 193 40.07 -3.88 -22.04
C LEU A 193 39.82 -5.14 -22.88
N ASN A 194 40.73 -6.11 -22.79
CA ASN A 194 40.55 -7.38 -23.47
C ASN A 194 40.14 -8.47 -22.49
N TYR A 195 39.12 -9.25 -22.85
CA TYR A 195 38.59 -10.29 -22.00
C TYR A 195 38.48 -11.59 -22.79
N PRO A 196 38.32 -12.72 -22.10
CA PRO A 196 38.01 -13.96 -22.82
C PRO A 196 36.71 -13.78 -23.58
N ASN A 197 36.59 -14.44 -24.74
CA ASN A 197 35.43 -14.27 -25.60
C ASN A 197 34.12 -14.59 -24.88
N SER A 198 34.20 -15.42 -23.85
CA SER A 198 33.03 -15.79 -23.05
C SER A 198 32.46 -14.60 -22.29
N TYR A 199 33.27 -13.57 -22.10
CA TYR A 199 32.86 -12.41 -21.31
C TYR A 199 32.21 -11.35 -22.19
N PHE A 200 32.25 -11.54 -23.49
CA PHE A 200 31.58 -10.62 -24.39
C PHE A 200 30.27 -11.22 -24.91
N THR A 201 29.15 -10.59 -24.59
CA THR A 201 27.88 -10.98 -25.19
C THR A 201 27.47 -9.92 -26.21
N GLY A 202 27.09 -10.36 -27.40
CA GLY A 202 26.74 -9.44 -28.46
C GLY A 202 25.25 -9.30 -28.72
N LEU A 203 24.91 -8.29 -29.51
CA LEU A 203 23.56 -8.18 -30.05
C LEU A 203 23.65 -8.58 -31.52
N GLU A 204 22.52 -8.53 -32.22
CA GLU A 204 22.49 -8.84 -33.65
C GLU A 204 23.29 -7.79 -34.43
N CYS A 205 23.38 -6.60 -33.86
CA CYS A 205 24.10 -5.48 -34.46
C CYS A 205 25.59 -5.76 -34.65
N GLY A 206 26.11 -6.77 -33.96
CA GLY A 206 27.51 -7.12 -34.04
C GLY A 206 28.43 -6.35 -33.10
N HIS A 207 27.91 -5.95 -31.94
CA HIS A 207 28.70 -5.29 -30.96
C HIS A 207 28.60 -6.11 -29.72
N LYS A 208 29.74 -6.41 -29.08
CA LYS A 208 29.76 -7.22 -27.88
C LYS A 208 30.69 -6.63 -26.82
N PHE A 209 30.15 -6.36 -25.63
CA PHE A 209 30.92 -5.73 -24.56
C PHE A 209 30.95 -6.64 -23.33
N CYS A 210 31.54 -6.12 -22.25
CA CYS A 210 31.65 -6.84 -20.99
C CYS A 210 30.30 -7.21 -20.44
N GLN A 212 29.76 -7.02 -17.46
CA GLN A 212 29.61 -5.99 -16.45
C GLN A 212 29.26 -4.63 -17.04
N CYS A 213 29.87 -4.30 -18.17
CA CYS A 213 29.56 -3.04 -18.87
C CYS A 213 28.11 -3.06 -19.28
N TRP A 214 27.64 -4.26 -19.63
CA TRP A 214 26.24 -4.46 -19.99
C TRP A 214 25.34 -4.23 -18.78
N SER A 215 25.62 -4.94 -17.70
CA SER A 215 24.86 -4.81 -16.46
C SER A 215 24.88 -3.35 -15.97
N GLU A 216 25.96 -2.65 -16.28
CA GLU A 216 26.08 -1.24 -15.91
C GLU A 216 25.30 -0.31 -16.84
N TYR A 217 25.45 -0.51 -18.15
CA TYR A 217 24.64 0.25 -19.09
C TYR A 217 23.17 -0.08 -18.92
N LEU A 218 22.88 -1.35 -18.67
CA LEU A 218 21.51 -1.78 -18.39
C LEU A 218 20.93 -1.08 -17.16
N THR A 219 21.51 -1.35 -15.99
CA THR A 219 20.94 -0.87 -14.72
C THR A 219 20.75 0.64 -14.64
N THR A 220 21.77 1.39 -15.09
CA THR A 220 21.70 2.85 -15.02
C THR A 220 20.66 3.40 -16.01
N LYS A 221 20.45 2.69 -17.10
CA LYS A 221 19.48 3.12 -18.11
C LYS A 221 18.05 2.80 -17.69
N ILE A 222 17.86 1.68 -17.00
CA ILE A 222 16.52 1.28 -16.59
C ILE A 222 16.03 2.06 -15.36
N GLU A 224 16.89 5.31 -14.25
CA GLU A 224 16.56 6.70 -14.54
C GLU A 224 17.22 7.17 -15.84
N GLU A 225 16.61 8.13 -16.53
CA GLU A 225 15.34 8.74 -16.15
C GLU A 225 14.16 7.87 -16.58
N GLY A 226 12.95 8.40 -16.44
CA GLY A 226 11.76 7.69 -16.92
C GLY A 226 11.93 7.40 -18.40
N GLY A 228 11.27 4.68 -22.06
CA GLY A 228 10.28 3.96 -22.83
C GLY A 228 10.30 2.50 -22.43
N GLN A 229 9.80 1.65 -23.33
CA GLN A 229 9.77 0.22 -23.09
C GLN A 229 10.94 -0.54 -23.76
N THR A 230 11.89 0.20 -24.32
CA THR A 230 12.87 -0.37 -25.26
C THR A 230 14.25 -0.83 -24.73
N ILE A 231 15.11 0.11 -24.34
CA ILE A 231 16.56 -0.14 -24.16
C ILE A 231 17.31 -0.55 -25.44
N SER A 232 17.62 0.43 -26.30
CA SER A 232 18.38 0.18 -27.53
C SER A 232 19.83 -0.23 -27.29
N CYS A 233 20.56 -0.43 -28.39
CA CYS A 233 21.97 -0.85 -28.40
C CYS A 233 22.83 0.10 -27.56
N PRO A 234 23.89 -0.43 -26.92
CA PRO A 234 24.69 0.43 -26.04
C PRO A 234 25.46 1.53 -26.78
N ALA A 235 25.97 1.23 -27.97
CA ALA A 235 26.62 2.25 -28.80
C ALA A 235 25.58 3.27 -29.25
N HIS A 236 24.34 2.80 -29.35
CA HIS A 236 23.13 3.63 -29.45
C HIS A 236 22.88 4.32 -30.79
N GLY A 237 23.90 4.36 -31.64
CA GLY A 237 23.72 4.78 -33.02
C GLY A 237 23.45 3.49 -33.78
N CYS A 238 23.63 2.40 -33.04
CA CYS A 238 23.40 1.04 -33.52
C CYS A 238 21.98 0.63 -33.18
N ASP A 239 21.16 1.61 -32.81
CA ASP A 239 19.90 1.31 -32.12
C ASP A 239 19.06 0.25 -32.84
N ILE A 240 19.11 -0.92 -32.22
CA ILE A 240 18.28 -2.06 -32.51
C ILE A 240 18.08 -2.51 -31.08
N LEU A 241 16.83 -2.52 -30.65
CA LEU A 241 16.55 -2.68 -29.24
C LEU A 241 17.01 -4.04 -28.75
N VAL A 242 17.57 -4.07 -27.55
CA VAL A 242 17.91 -5.32 -26.88
C VAL A 242 16.61 -6.03 -26.51
N ASP A 243 16.46 -7.25 -26.99
CA ASP A 243 15.24 -8.01 -26.72
C ASP A 243 15.13 -8.31 -25.23
N ASP A 244 13.91 -8.56 -24.79
CA ASP A 244 13.61 -8.66 -23.36
C ASP A 244 14.47 -9.67 -22.61
N ASN A 245 14.37 -10.95 -23.00
CA ASN A 245 15.07 -12.03 -22.29
C ASN A 245 16.57 -11.79 -22.17
N THR A 246 17.15 -11.13 -23.17
CA THR A 246 18.58 -10.86 -23.16
C THR A 246 18.90 -9.72 -22.18
N VAL A 247 17.89 -8.91 -21.86
CA VAL A 247 18.04 -7.91 -20.81
C VAL A 247 17.90 -8.57 -19.45
N ARG A 249 18.73 -11.87 -18.55
CA ARG A 249 19.93 -12.62 -18.21
C ARG A 249 21.04 -11.68 -17.74
N LEU A 250 21.07 -10.49 -18.34
CA LEU A 250 22.22 -9.60 -18.22
C LEU A 250 22.26 -8.70 -16.99
N ILE A 251 21.13 -8.49 -16.34
CA ILE A 251 21.12 -7.61 -15.15
C ILE A 251 21.38 -8.41 -13.87
N THR A 252 22.52 -8.14 -13.25
CA THR A 252 23.01 -8.90 -12.12
C THR A 252 22.13 -8.76 -10.88
N ASP A 253 21.90 -7.51 -10.47
CA ASP A 253 21.11 -7.23 -9.27
C ASP A 253 19.66 -7.65 -9.49
N SER A 254 19.14 -8.44 -8.57
CA SER A 254 17.81 -9.00 -8.70
C SER A 254 16.72 -7.95 -8.53
N LYS A 255 17.01 -6.90 -7.78
CA LYS A 255 16.05 -5.84 -7.49
C LYS A 255 15.60 -5.11 -8.76
N VAL A 256 16.53 -4.85 -9.66
CA VAL A 256 16.22 -4.14 -10.90
C VAL A 256 15.54 -5.05 -11.93
N LYS A 257 15.86 -6.35 -11.89
CA LYS A 257 15.23 -7.32 -12.80
C LYS A 257 13.72 -7.32 -12.60
N LEU A 258 13.31 -7.03 -11.37
CA LEU A 258 11.90 -6.94 -11.04
C LEU A 258 11.31 -5.65 -11.58
N LYS A 259 12.13 -4.59 -11.59
CA LYS A 259 11.70 -3.31 -12.11
C LYS A 259 11.41 -3.39 -13.61
N TYR A 260 12.31 -4.01 -14.35
CA TYR A 260 12.11 -4.18 -15.78
C TYR A 260 10.88 -5.04 -16.02
N GLN A 261 10.80 -6.14 -15.29
CA GLN A 261 9.66 -7.04 -15.38
C GLN A 261 8.39 -6.26 -15.20
N HIS A 262 8.34 -5.42 -14.16
CA HIS A 262 7.20 -4.54 -13.96
C HIS A 262 7.06 -3.55 -15.12
N LEU A 263 8.18 -2.91 -15.46
CA LEU A 263 8.23 -1.85 -16.47
C LEU A 263 7.52 -2.25 -17.75
N ILE A 264 8.03 -3.30 -18.39
CA ILE A 264 7.53 -3.75 -19.67
C ILE A 264 6.13 -4.37 -19.57
N THR A 265 5.81 -4.95 -18.41
CA THR A 265 4.55 -5.64 -18.24
C THR A 265 3.40 -4.67 -18.01
N ASN A 266 3.75 -3.46 -17.58
CA ASN A 266 2.78 -2.46 -17.16
C ASN A 266 1.59 -2.33 -18.10
N SER A 267 1.85 -2.34 -19.40
CA SER A 267 0.79 -2.22 -20.40
C SER A 267 -0.20 -3.38 -20.31
N PHE A 268 0.33 -4.60 -20.21
CA PHE A 268 -0.50 -5.80 -20.15
C PHE A 268 -1.57 -5.71 -19.07
N VAL A 269 -1.16 -5.36 -17.85
CA VAL A 269 -2.10 -5.27 -16.73
C VAL A 269 -2.90 -3.97 -16.73
N GLU A 270 -2.30 -2.91 -17.29
CA GLU A 270 -3.00 -1.63 -17.39
C GLU A 270 -4.13 -1.74 -18.39
N CYS A 271 -3.83 -2.35 -19.54
CA CYS A 271 -4.80 -2.49 -20.61
C CYS A 271 -5.80 -3.60 -20.34
N ASN A 272 -5.56 -4.36 -19.27
CA ASN A 272 -6.47 -5.44 -18.90
C ASN A 272 -7.24 -5.11 -17.63
N ARG A 273 -8.56 -5.22 -17.69
CA ARG A 273 -9.40 -5.11 -16.50
C ARG A 273 -9.23 -6.38 -15.69
N LEU A 274 -9.61 -6.31 -14.41
CA LEU A 274 -9.52 -7.42 -13.47
C LEU A 274 -8.08 -7.70 -13.01
N LEU A 275 -7.10 -7.06 -13.64
CA LEU A 275 -5.72 -7.18 -13.21
C LEU A 275 -5.20 -5.84 -12.72
N LYS A 276 -4.90 -5.74 -11.43
CA LYS A 276 -4.40 -4.50 -10.86
C LYS A 276 -3.14 -4.74 -10.04
N TRP A 277 -2.15 -3.85 -10.19
CA TRP A 277 -0.93 -3.95 -9.43
C TRP A 277 -1.20 -3.81 -7.94
N CYS A 278 -0.39 -4.46 -7.11
CA CYS A 278 -0.42 -4.21 -5.67
C CYS A 278 0.11 -2.81 -5.45
N PRO A 279 -0.68 -1.98 -4.74
CA PRO A 279 -0.34 -0.55 -4.59
C PRO A 279 0.67 -0.35 -3.48
N ALA A 280 1.75 -1.12 -3.54
CA ALA A 280 2.85 -0.96 -2.61
C ALA A 280 4.11 -0.69 -3.40
N PRO A 281 5.03 0.11 -2.85
CA PRO A 281 6.26 0.48 -3.57
C PRO A 281 7.16 -0.74 -3.83
N ASP A 282 7.24 -1.63 -2.86
CA ASP A 282 8.10 -2.81 -2.97
C ASP A 282 7.41 -4.05 -3.56
N CYS A 283 6.10 -3.98 -3.75
CA CYS A 283 5.36 -5.17 -4.16
C CYS A 283 5.08 -5.22 -5.65
N HIS A 284 5.62 -6.25 -6.30
CA HIS A 284 5.42 -6.47 -7.72
C HIS A 284 4.34 -7.50 -8.03
N HIS A 285 3.66 -7.97 -7.00
CA HIS A 285 2.53 -8.86 -7.18
C HIS A 285 1.35 -8.14 -7.81
N VAL A 286 0.43 -8.89 -8.39
CA VAL A 286 -0.79 -8.32 -8.98
C VAL A 286 -2.02 -9.19 -8.67
N VAL A 287 -3.11 -8.54 -8.31
CA VAL A 287 -4.36 -9.23 -7.98
C VAL A 287 -5.25 -9.38 -9.21
N LYS A 288 -5.74 -10.60 -9.43
CA LYS A 288 -6.70 -10.85 -10.49
C LYS A 288 -8.07 -11.17 -9.91
N VAL A 289 -9.09 -10.47 -10.39
CA VAL A 289 -10.45 -10.66 -9.89
C VAL A 289 -11.41 -11.09 -10.99
N GLN A 290 -12.56 -11.64 -10.60
CA GLN A 290 -13.57 -12.02 -11.57
C GLN A 290 -14.25 -10.78 -12.13
N TYR A 291 -14.60 -9.85 -11.24
CA TYR A 291 -15.18 -8.58 -11.64
C TYR A 291 -14.68 -7.46 -10.72
N PRO A 292 -14.47 -6.26 -11.27
CA PRO A 292 -13.97 -5.09 -10.55
C PRO A 292 -15.04 -4.44 -9.66
N ASP A 293 -15.27 -5.01 -8.49
CA ASP A 293 -16.39 -4.61 -7.64
C ASP A 293 -16.05 -3.61 -6.51
N ALA A 294 -14.78 -3.22 -6.40
CA ALA A 294 -14.32 -2.32 -5.33
C ALA A 294 -14.60 -2.89 -3.94
N LYS A 295 -13.87 -3.95 -3.60
CA LYS A 295 -14.06 -4.67 -2.35
C LYS A 295 -12.65 -4.88 -1.75
N PRO A 296 -12.53 -5.46 -0.54
CA PRO A 296 -11.14 -5.57 -0.08
C PRO A 296 -10.40 -6.73 -0.75
N VAL A 297 -9.09 -6.59 -0.91
CA VAL A 297 -8.24 -7.67 -1.43
C VAL A 297 -6.92 -7.71 -0.63
N ARG A 298 -6.44 -8.90 -0.33
CA ARG A 298 -5.18 -9.05 0.40
C ARG A 298 -4.13 -9.72 -0.48
N CYS A 299 -2.98 -9.08 -0.58
CA CYS A 299 -1.98 -9.39 -1.59
C CYS A 299 -0.92 -10.42 -1.14
N LYS A 300 -1.06 -10.91 0.09
CA LYS A 300 0.00 -11.70 0.76
C LYS A 300 1.22 -10.81 0.86
N CYS A 301 0.96 -9.52 0.89
CA CYS A 301 1.98 -8.47 0.92
C CYS A 301 2.59 -8.11 2.30
N GLY A 302 1.81 -8.04 3.40
CA GLY A 302 0.39 -8.38 3.51
C GLY A 302 -0.64 -7.26 3.35
N ARG A 303 -0.26 -6.21 2.64
CA ARG A 303 -1.08 -5.02 2.43
C ARG A 303 -2.49 -5.29 1.87
N GLN A 304 -3.45 -4.49 2.30
CA GLN A 304 -4.83 -4.58 1.81
C GLN A 304 -5.26 -3.22 1.26
N PHE A 305 -6.09 -3.23 0.21
CA PHE A 305 -6.47 -2.00 -0.48
C PHE A 305 -7.80 -2.06 -1.22
N CYS A 306 -8.33 -0.87 -1.54
CA CYS A 306 -9.54 -0.73 -2.34
C CYS A 306 -9.21 -1.14 -3.76
N PHE A 307 -9.96 -2.11 -4.28
CA PHE A 307 -9.68 -2.67 -5.59
C PHE A 307 -9.70 -1.63 -6.70
N ASN A 308 -10.78 -0.86 -6.77
CA ASN A 308 -10.99 0.11 -7.84
C ASN A 308 -9.92 1.22 -7.93
N CYS A 309 -9.78 2.00 -6.86
CA CYS A 309 -8.90 3.16 -6.87
C CYS A 309 -7.46 2.83 -6.51
N GLY A 310 -7.24 1.65 -5.93
CA GLY A 310 -5.90 1.24 -5.52
C GLY A 310 -5.31 2.07 -4.39
N GLU A 311 -6.07 2.25 -3.32
CA GLU A 311 -5.58 2.89 -2.10
C GLU A 311 -5.85 1.95 -0.95
N ASN A 312 -5.11 2.07 0.15
CA ASN A 312 -5.27 1.17 1.28
C ASN A 312 -6.72 1.16 1.70
N TRP A 313 -7.23 0.01 2.12
CA TRP A 313 -8.67 -0.18 2.24
C TRP A 313 -9.29 0.89 3.12
N HIS A 314 -10.21 1.65 2.52
CA HIS A 314 -10.94 2.68 3.24
C HIS A 314 -12.39 2.23 3.24
N ASP A 315 -12.87 1.73 4.36
CA ASP A 315 -14.26 1.29 4.42
C ASP A 315 -15.30 2.43 4.46
N PRO A 316 -15.14 3.39 5.38
CA PRO A 316 -16.17 4.43 5.47
C PRO A 316 -16.25 5.35 4.25
N VAL A 317 -15.11 5.76 3.70
CA VAL A 317 -15.07 6.83 2.72
C VAL A 317 -15.34 6.41 1.29
N LYS A 318 -15.38 7.40 0.40
CA LYS A 318 -15.59 7.17 -1.02
C LYS A 318 -14.31 7.52 -1.73
N CYS A 319 -14.05 6.86 -2.86
CA CYS A 319 -12.83 7.06 -3.60
C CYS A 319 -12.70 8.50 -4.10
N LYS A 320 -13.83 9.10 -4.48
CA LYS A 320 -13.85 10.49 -4.91
C LYS A 320 -13.47 11.42 -3.77
N TRP A 321 -13.97 11.13 -2.58
CA TRP A 321 -13.69 11.94 -1.39
C TRP A 321 -12.30 11.65 -0.84
N LEU A 322 -11.90 10.39 -0.88
CA LEU A 322 -10.59 9.98 -0.39
C LEU A 322 -9.47 10.49 -1.30
N LYS A 323 -9.77 10.60 -2.59
CA LYS A 323 -8.78 11.11 -3.55
C LYS A 323 -8.74 12.63 -3.51
N LYS A 324 -9.77 13.22 -2.93
CA LYS A 324 -9.80 14.67 -2.75
C LYS A 324 -8.73 15.08 -1.76
N TRP A 325 -8.38 14.17 -0.86
CA TRP A 325 -7.37 14.46 0.15
C TRP A 325 -5.94 14.34 -0.38
N ILE A 326 -5.68 13.31 -1.18
CA ILE A 326 -4.35 13.10 -1.75
C ILE A 326 -3.86 14.31 -2.54
N LYS A 327 -4.82 15.11 -3.04
CA LYS A 327 -4.50 16.39 -3.66
C LYS A 327 -4.30 17.47 -2.59
N LYS A 328 -5.14 17.43 -1.55
CA LYS A 328 -5.10 18.40 -0.46
C LYS A 328 -3.99 18.09 0.56
N CYS A 329 -3.83 16.81 0.89
CA CYS A 329 -2.73 16.40 1.77
C CYS A 329 -1.39 16.68 1.11
N ASP A 330 -1.38 16.63 -0.22
CA ASP A 330 -0.20 16.97 -0.99
C ASP A 330 -0.11 18.47 -1.28
N ASP A 331 -1.22 19.17 -1.11
CA ASP A 331 -1.27 20.61 -1.34
C ASP A 331 -0.33 21.33 -0.38
N ASP A 332 -0.40 20.95 0.89
CA ASP A 332 0.38 21.57 1.94
C ASP A 332 1.87 21.44 1.66
N SER A 333 2.60 22.54 1.81
CA SER A 333 4.06 22.46 1.78
C SER A 333 4.61 22.85 3.15
N GLU A 334 5.02 21.84 3.94
CA GLU A 334 5.50 22.03 5.30
C GLU A 334 6.40 20.87 5.72
N ALA A 340 2.39 13.45 11.80
CA ALA A 340 3.85 13.50 11.85
C ALA A 340 4.31 14.29 13.07
N ALA A 341 3.90 13.84 14.25
CA ALA A 341 4.40 14.40 15.50
C ALA A 341 5.27 13.35 16.23
N ASN A 342 6.59 13.57 16.21
CA ASN A 342 7.53 12.58 16.74
C ASN A 342 7.69 12.63 18.25
N THR A 343 7.58 13.83 18.82
CA THR A 343 7.80 14.06 20.26
C THR A 343 6.80 15.07 20.79
N LYS A 344 6.57 15.05 22.10
CA LYS A 344 5.74 16.05 22.76
C LYS A 344 6.06 16.19 24.25
N GLU A 345 5.59 17.27 24.85
CA GLU A 345 5.86 17.56 26.27
C GLU A 345 4.62 17.34 27.13
N CYS A 346 4.84 16.68 28.27
CA CYS A 346 3.78 16.36 29.24
C CYS A 346 2.99 17.59 29.68
N PRO A 347 1.67 17.44 29.85
CA PRO A 347 0.83 18.51 30.39
C PRO A 347 1.03 18.76 31.90
N LYS A 348 1.40 17.72 32.65
CA LYS A 348 1.47 17.84 34.11
C LYS A 348 2.85 18.29 34.60
N CYS A 349 3.85 17.44 34.40
CA CYS A 349 5.21 17.73 34.86
C CYS A 349 5.98 18.50 33.80
N HIS A 350 5.37 18.61 32.62
CA HIS A 350 5.95 19.36 31.49
C HIS A 350 7.16 18.69 30.82
N VAL A 351 7.57 17.56 31.37
CA VAL A 351 8.68 16.75 30.82
C VAL A 351 8.41 16.23 29.40
N THR A 352 9.48 16.15 28.59
CA THR A 352 9.38 15.72 27.20
C THR A 352 9.08 14.23 27.07
N ILE A 353 8.29 13.87 26.05
CA ILE A 353 7.92 12.49 25.80
C ILE A 353 8.04 12.18 24.31
N GLU A 354 8.75 11.10 23.98
CA GLU A 354 8.79 10.63 22.59
C GLU A 354 7.74 9.56 22.36
N LYS A 355 7.19 9.52 21.15
CA LYS A 355 6.14 8.57 20.86
C LYS A 355 6.71 7.24 20.40
N ASP A 356 6.52 6.23 21.23
CA ASP A 356 6.79 4.83 20.92
C ASP A 356 5.48 4.08 21.21
N GLY A 357 5.04 3.28 20.25
CA GLY A 357 3.67 2.80 20.26
C GLY A 357 2.94 3.47 19.11
N GLY A 358 1.75 2.99 18.78
CA GLY A 358 1.00 2.12 19.67
C GLY A 358 -0.13 2.97 20.20
N CYS A 359 -0.81 2.50 21.24
CA CYS A 359 -1.95 3.22 21.78
C CYS A 359 -1.55 4.58 22.31
N ASN A 360 -2.53 5.48 22.39
CA ASN A 360 -2.28 6.86 22.79
C ASN A 360 -2.47 7.16 24.27
N HIS A 361 -2.72 6.12 25.07
CA HIS A 361 -2.79 6.33 26.52
C HIS A 361 -1.35 6.50 26.96
N VAL A 363 1.48 7.29 29.74
CA VAL A 363 1.97 7.44 31.10
C VAL A 363 3.41 7.89 31.04
N CYS A 364 3.62 9.16 31.38
CA CYS A 364 4.94 9.75 31.37
C CYS A 364 5.70 9.23 32.57
N ARG A 365 6.97 8.84 32.38
CA ARG A 365 7.72 8.37 33.52
C ARG A 365 8.63 9.48 34.02
N ASN A 366 8.20 10.09 35.10
CA ASN A 366 8.98 10.95 35.96
C ASN A 366 8.31 10.76 37.30
N GLN A 367 9.12 10.64 38.35
CA GLN A 367 8.58 10.36 39.68
C GLN A 367 7.61 11.46 40.12
N ASN A 368 7.75 12.63 39.52
CA ASN A 368 6.87 13.76 39.76
C ASN A 368 5.40 13.45 39.46
N CYS A 369 5.09 13.23 38.19
CA CYS A 369 3.69 13.03 37.78
C CYS A 369 3.40 11.62 37.27
N LYS A 370 2.22 11.12 37.63
CA LYS A 370 1.76 9.83 37.15
C LYS A 370 0.85 9.94 35.93
N ALA A 371 0.66 11.16 35.42
CA ALA A 371 -0.15 11.39 34.23
C ALA A 371 0.44 10.55 33.11
N GLU A 372 -0.32 9.62 32.49
CA GLU A 372 -1.80 9.47 32.49
C GLU A 372 -2.58 10.61 31.82
N PHE A 373 -2.45 10.68 30.49
CA PHE A 373 -3.20 11.59 29.62
C PHE A 373 -3.37 10.99 28.22
N CYS A 374 -3.85 11.79 27.27
CA CYS A 374 -4.03 11.36 25.89
C CYS A 374 -3.00 12.02 24.99
N TRP A 375 -2.61 11.35 23.91
CA TRP A 375 -1.54 11.87 23.06
C TRP A 375 -1.97 12.95 22.08
N VAL A 376 -3.11 12.73 21.43
CA VAL A 376 -3.56 13.64 20.38
C VAL A 376 -4.04 14.97 20.96
N CYS A 377 -4.97 14.90 21.89
CA CYS A 377 -5.29 16.03 22.76
C CYS A 377 -4.54 15.81 24.06
N LEU A 378 -3.93 16.85 24.60
CA LEU A 378 -3.04 16.66 25.74
C LEU A 378 -3.80 16.61 27.06
N GLY A 379 -5.13 16.61 26.98
CA GLY A 379 -5.97 16.43 28.15
C GLY A 379 -5.88 15.02 28.67
N PRO A 380 -6.30 14.81 29.93
CA PRO A 380 -6.17 13.60 30.76
C PRO A 380 -6.96 12.33 30.40
N TRP A 381 -6.81 11.35 31.29
CA TRP A 381 -7.36 10.00 31.16
C TRP A 381 -7.76 9.61 32.59
N GLU A 382 -8.94 9.04 32.80
CA GLU A 382 -9.85 8.65 31.72
C GLU A 382 -11.23 9.32 31.77
N PRO A 383 -11.27 10.65 31.56
CA PRO A 383 -12.53 11.21 31.05
C PRO A 383 -12.73 10.73 29.61
N HIS A 384 -11.66 10.17 29.02
CA HIS A 384 -11.77 9.45 27.76
C HIS A 384 -12.55 8.17 28.00
N GLY A 385 -13.61 8.00 27.21
CA GLY A 385 -14.56 6.92 27.42
C GLY A 385 -15.80 7.42 28.15
N SER A 386 -15.66 8.55 28.85
CA SER A 386 -16.79 9.22 29.47
C SER A 386 -17.50 10.05 28.41
N ALA A 387 -18.79 10.28 28.62
CA ALA A 387 -19.63 10.93 27.61
C ALA A 387 -19.46 12.45 27.59
N TRP A 388 -18.91 12.99 28.68
CA TRP A 388 -18.74 14.43 28.81
C TRP A 388 -17.51 14.94 28.07
N TYR A 389 -16.77 14.02 27.46
CA TYR A 389 -15.52 14.39 26.80
C TYR A 389 -15.47 13.89 25.36
N ASN A 390 -15.36 14.83 24.42
CA ASN A 390 -15.21 14.51 23.01
C ASN A 390 -13.75 14.71 22.56
N CYS A 391 -13.09 13.61 22.21
CA CYS A 391 -11.75 13.65 21.65
C CYS A 391 -11.82 13.90 20.14
N ASN A 392 -13.02 13.75 19.60
CA ASN A 392 -13.27 13.85 18.16
C ASN A 392 -13.44 15.28 17.62
N ARG A 393 -14.16 16.12 18.35
CA ARG A 393 -14.44 17.48 17.90
C ARG A 393 -14.95 18.36 19.04
N GLU A 407 -11.36 37.31 7.69
CA GLU A 407 -11.11 36.44 8.84
C GLU A 407 -11.49 34.99 8.55
N ARG A 408 -12.68 34.82 7.96
CA ARG A 408 -13.19 33.49 7.62
C ARG A 408 -12.36 32.80 6.55
N SER A 409 -11.42 33.55 5.95
CA SER A 409 -10.52 33.01 4.94
C SER A 409 -9.58 31.96 5.53
N ARG A 410 -9.02 32.27 6.70
CA ARG A 410 -8.06 31.38 7.37
C ARG A 410 -8.75 30.32 8.23
N ALA A 411 -10.05 30.49 8.45
CA ALA A 411 -10.85 29.55 9.24
C ALA A 411 -10.82 28.11 8.73
N ALA A 412 -10.51 27.94 7.44
CA ALA A 412 -10.48 26.61 6.82
C ALA A 412 -9.23 25.81 7.16
N LEU A 413 -8.07 26.46 7.06
CA LEU A 413 -6.81 25.78 7.31
C LEU A 413 -6.67 25.35 8.77
N GLN A 414 -7.44 26.01 9.64
CA GLN A 414 -7.47 25.66 11.05
C GLN A 414 -8.13 24.30 11.29
N ARG A 415 -9.35 24.14 10.78
CA ARG A 415 -10.10 22.90 10.98
C ARG A 415 -9.53 21.75 10.15
N TYR A 416 -8.70 22.07 9.18
CA TYR A 416 -7.95 21.07 8.44
C TYR A 416 -6.84 20.53 9.33
N LEU A 417 -6.09 21.44 9.95
CA LEU A 417 -4.98 21.08 10.83
C LEU A 417 -5.46 20.16 11.94
N PHE A 418 -6.67 20.44 12.45
CA PHE A 418 -7.35 19.54 13.36
C PHE A 418 -7.51 18.18 12.69
N TYR A 419 -8.36 18.15 11.68
CA TYR A 419 -8.81 16.89 11.07
C TYR A 419 -7.71 16.05 10.44
N CYS A 420 -6.67 16.71 9.93
CA CYS A 420 -5.53 16.02 9.35
C CYS A 420 -4.62 15.44 10.41
N ASN A 421 -4.50 16.15 11.53
CA ASN A 421 -3.63 15.71 12.63
C ASN A 421 -4.02 14.36 13.22
N ARG A 422 -5.31 14.04 13.20
CA ARG A 422 -5.78 12.73 13.66
C ARG A 422 -5.49 11.68 12.61
N TYR A 423 -5.60 12.08 11.35
CA TYR A 423 -5.31 11.22 10.21
C TYR A 423 -3.83 10.84 10.21
N ASN A 425 -1.63 11.19 12.91
CA ASN A 425 -1.24 10.56 14.17
C ASN A 425 -1.72 9.12 14.30
N HIS A 426 -2.86 8.79 13.68
CA HIS A 426 -3.35 7.42 13.63
C HIS A 426 -2.48 6.53 12.73
N GLN A 428 0.76 6.93 12.17
CA GLN A 428 1.96 6.68 12.95
C GLN A 428 1.67 5.65 14.05
N SER A 429 0.55 5.82 14.75
CA SER A 429 0.15 4.88 15.80
C SER A 429 -0.23 3.52 15.23
N LEU A 430 -0.56 3.49 13.94
CA LEU A 430 -0.83 2.23 13.24
C LEU A 430 0.49 1.55 12.88
N ARG A 431 1.46 2.35 12.44
CA ARG A 431 2.76 1.84 12.02
C ARG A 431 3.42 1.00 13.09
N PHE A 432 3.41 1.49 14.32
CA PHE A 432 4.13 0.85 15.40
C PHE A 432 3.37 -0.39 15.88
N GLU A 433 2.16 -0.58 15.35
CA GLU A 433 1.40 -1.79 15.60
C GLU A 433 1.82 -2.94 14.69
N HIS A 434 2.34 -2.59 13.51
CA HIS A 434 2.78 -3.60 12.57
C HIS A 434 4.00 -4.35 13.11
N LYS A 435 4.66 -3.75 14.10
CA LYS A 435 5.78 -4.40 14.76
C LYS A 435 5.30 -5.61 15.56
N LEU A 436 4.07 -5.54 16.04
CA LEU A 436 3.50 -6.56 16.92
C LEU A 436 3.44 -7.94 16.28
N TYR A 437 3.21 -7.97 14.97
CA TYR A 437 3.21 -9.23 14.21
C TYR A 437 4.52 -9.99 14.42
N ALA A 438 5.62 -9.25 14.45
CA ALA A 438 6.94 -9.83 14.68
C ALA A 438 7.07 -10.42 16.09
N GLN A 439 6.54 -9.71 17.07
CA GLN A 439 6.62 -10.12 18.47
C GLN A 439 5.61 -11.22 18.77
N VAL A 440 4.51 -11.23 18.03
CA VAL A 440 3.41 -12.18 18.28
C VAL A 440 3.80 -13.60 17.87
N LYS A 441 4.71 -13.72 16.92
CA LYS A 441 5.22 -15.02 16.51
C LYS A 441 6.04 -15.60 17.63
N GLN A 442 6.72 -14.71 18.36
CA GLN A 442 7.52 -15.13 19.50
C GLN A 442 6.64 -15.37 20.72
N LYS A 443 5.57 -14.60 20.85
CA LYS A 443 4.64 -14.74 21.96
C LYS A 443 3.94 -16.10 21.91
N GLU A 445 5.05 -18.86 20.00
CA GLU A 445 6.05 -19.94 20.01
C GLU A 445 6.57 -20.17 21.43
N GLU A 446 6.61 -19.11 22.22
CA GLU A 446 7.03 -19.20 23.61
C GLU A 446 5.92 -19.73 24.52
N GLN A 448 3.19 -21.60 23.52
CA GLN A 448 2.71 -22.92 23.10
C GLN A 448 3.53 -24.07 23.66
N GLN A 449 4.86 -23.92 23.69
CA GLN A 449 5.74 -25.00 24.14
C GLN A 449 5.48 -25.36 25.60
N HIS A 450 5.02 -24.37 26.36
CA HIS A 450 4.72 -24.57 27.78
C HIS A 450 3.37 -25.26 28.09
N ASN A 451 2.31 -24.78 27.45
CA ASN A 451 0.98 -25.14 27.89
C ASN A 451 -0.01 -25.65 26.83
N SER A 453 -2.23 -25.45 22.72
CA SER A 453 -2.16 -25.98 21.36
C SER A 453 -2.31 -24.86 20.33
N TRP A 454 -1.74 -25.07 19.14
CA TRP A 454 -1.71 -24.06 18.09
C TRP A 454 -3.08 -23.41 17.80
N ILE A 455 -4.12 -24.23 17.75
CA ILE A 455 -5.47 -23.71 17.53
C ILE A 455 -5.85 -22.79 18.68
N GLU A 456 -5.35 -23.10 19.87
CA GLU A 456 -5.69 -22.33 21.06
C GLU A 456 -5.00 -20.97 21.10
N VAL A 457 -3.76 -20.90 20.63
CA VAL A 457 -2.99 -19.66 20.69
C VAL A 457 -3.33 -18.67 19.57
N GLN A 458 -3.84 -19.16 18.45
CA GLN A 458 -3.99 -18.35 17.25
C GLN A 458 -4.91 -17.14 17.38
N PHE A 459 -5.65 -17.05 18.49
CA PHE A 459 -6.43 -15.85 18.77
C PHE A 459 -5.53 -14.62 18.93
N LEU A 460 -4.28 -14.85 19.32
CA LEU A 460 -3.34 -13.77 19.61
C LEU A 460 -2.87 -13.02 18.36
N LYS A 461 -2.95 -13.67 17.20
CA LYS A 461 -2.68 -12.98 15.94
C LYS A 461 -3.90 -12.16 15.56
N LYS A 462 -5.08 -12.74 15.79
CA LYS A 462 -6.36 -12.12 15.44
C LYS A 462 -6.54 -10.78 16.13
N ALA A 463 -6.08 -10.70 17.38
CA ALA A 463 -6.11 -9.45 18.12
C ALA A 463 -5.39 -8.37 17.34
N VAL A 464 -4.20 -8.70 16.83
CA VAL A 464 -3.39 -7.76 16.07
C VAL A 464 -4.03 -7.50 14.71
N ASP A 465 -4.64 -8.54 14.13
CA ASP A 465 -5.36 -8.40 12.88
C ASP A 465 -6.48 -7.39 13.02
N VAL A 466 -7.31 -7.59 14.04
CA VAL A 466 -8.43 -6.70 14.33
C VAL A 466 -7.92 -5.31 14.68
N LEU A 467 -6.89 -5.26 15.52
CA LEU A 467 -6.30 -3.99 15.93
C LEU A 467 -5.78 -3.23 14.71
N CYS A 468 -5.11 -3.94 13.82
CA CYS A 468 -4.60 -3.32 12.60
C CYS A 468 -5.74 -3.01 11.64
N GLN A 469 -6.86 -3.71 11.81
CA GLN A 469 -8.05 -3.46 11.01
C GLN A 469 -8.78 -2.20 11.48
N CYS A 470 -8.98 -2.09 12.79
CA CYS A 470 -9.69 -0.97 13.37
C CYS A 470 -8.87 0.33 13.29
N ARG A 471 -7.56 0.20 13.33
CA ARG A 471 -6.68 1.37 13.23
C ARG A 471 -6.72 1.97 11.83
N ALA A 472 -6.91 1.12 10.83
CA ALA A 472 -7.03 1.56 9.45
C ALA A 472 -8.40 2.19 9.23
N THR A 473 -9.44 1.49 9.68
CA THR A 473 -10.82 1.96 9.57
C THR A 473 -11.00 3.35 10.18
N LEU A 474 -10.21 3.65 11.20
CA LEU A 474 -10.36 4.87 11.98
C LEU A 474 -9.87 6.11 11.23
N TYR A 476 -9.42 6.77 8.34
CA TYR A 476 -10.22 7.04 7.14
C TYR A 476 -11.58 7.66 7.45
N THR A 477 -12.08 7.46 8.67
CA THR A 477 -13.33 8.11 9.06
C THR A 477 -13.11 9.61 9.18
N TYR A 478 -11.85 10.02 9.19
CA TYR A 478 -11.49 11.45 9.21
C TYR A 478 -11.51 12.07 7.80
N VAL A 479 -11.50 11.23 6.77
CA VAL A 479 -11.77 11.72 5.43
C VAL A 479 -13.26 11.95 5.37
N PHE A 480 -13.98 10.98 5.94
CA PHE A 480 -15.43 10.98 6.01
C PHE A 480 -15.92 12.20 6.75
N ALA A 481 -15.46 12.36 7.99
CA ALA A 481 -15.97 13.39 8.89
C ALA A 481 -15.61 14.81 8.47
N PHE A 482 -14.47 14.96 7.77
CA PHE A 482 -14.00 16.28 7.38
C PHE A 482 -14.97 16.97 6.41
N TYR A 483 -15.39 16.24 5.39
CA TYR A 483 -16.27 16.80 4.36
C TYR A 483 -17.73 16.89 4.78
N LEU A 484 -18.27 15.82 5.36
CA LEU A 484 -19.63 15.86 5.87
C LEU A 484 -19.71 16.86 7.02
N LYS A 485 -20.70 17.76 6.96
CA LYS A 485 -20.71 18.90 7.87
C LYS A 485 -21.92 19.03 8.79
N LYS A 486 -21.70 18.81 10.07
CA LYS A 486 -22.57 19.29 11.14
C LYS A 486 -24.01 18.75 11.15
N ASN A 487 -24.39 18.01 10.12
CA ASN A 487 -25.78 17.57 9.97
C ASN A 487 -26.19 16.60 11.08
N ASN A 488 -27.50 16.43 11.26
CA ASN A 488 -28.00 15.58 12.34
C ASN A 488 -27.52 14.13 12.24
N GLN A 489 -26.96 13.77 11.09
CA GLN A 489 -26.35 12.47 10.91
C GLN A 489 -24.85 12.49 11.19
N SER A 490 -24.30 13.69 11.37
CA SER A 490 -22.87 13.85 11.68
C SER A 490 -22.58 13.57 13.15
N ILE A 491 -23.54 13.87 14.01
CA ILE A 491 -23.34 13.74 15.44
C ILE A 491 -23.65 12.34 15.95
N ILE A 492 -24.30 11.53 15.12
CA ILE A 492 -24.61 10.16 15.48
C ILE A 492 -23.39 9.29 15.26
N PHE A 493 -22.72 9.53 14.14
CA PHE A 493 -21.50 8.81 13.79
C PHE A 493 -20.32 9.34 14.60
N GLU A 494 -20.50 10.54 15.16
CA GLU A 494 -19.52 11.14 16.06
C GLU A 494 -19.34 10.25 17.27
N ASN A 495 -20.42 9.60 17.70
CA ASN A 495 -20.40 8.75 18.87
C ASN A 495 -19.81 7.37 18.62
N ASN A 496 -20.15 6.76 17.49
CA ASN A 496 -19.62 5.45 17.14
C ASN A 496 -18.10 5.48 16.99
N GLN A 497 -17.58 6.60 16.47
CA GLN A 497 -16.16 6.79 16.31
C GLN A 497 -15.48 6.95 17.66
N ALA A 498 -16.04 7.82 18.50
CA ALA A 498 -15.50 8.04 19.83
C ALA A 498 -15.60 6.78 20.68
N ASP A 499 -16.53 5.90 20.31
CA ASP A 499 -16.64 4.60 20.96
C ASP A 499 -15.61 3.64 20.39
N LEU A 500 -15.34 3.79 19.10
CA LEU A 500 -14.34 2.96 18.43
C LEU A 500 -12.92 3.42 18.76
N GLU A 501 -12.73 4.73 18.85
CA GLU A 501 -11.44 5.29 19.21
C GLU A 501 -10.95 4.70 20.52
N ASN A 502 -11.81 4.72 21.53
CA ASN A 502 -11.45 4.19 22.84
C ASN A 502 -11.40 2.66 22.84
N ALA A 503 -12.04 2.05 21.85
CA ALA A 503 -12.01 0.60 21.71
C ALA A 503 -10.61 0.16 21.34
N THR A 504 -10.00 0.89 20.42
CA THR A 504 -8.65 0.59 19.95
C THR A 504 -7.62 0.80 21.07
N GLU A 505 -7.68 1.96 21.71
CA GLU A 505 -6.73 2.30 22.76
C GLU A 505 -6.80 1.34 23.94
N VAL A 506 -7.94 0.69 24.13
CA VAL A 506 -8.09 -0.31 25.19
C VAL A 506 -7.34 -1.59 24.82
N LEU A 507 -7.42 -1.96 23.54
CA LEU A 507 -6.70 -3.15 23.05
C LEU A 507 -5.24 -2.85 22.75
N SER A 508 -5.00 -1.75 22.06
CA SER A 508 -3.66 -1.38 21.64
C SER A 508 -2.76 -1.08 22.83
N GLY A 509 -3.35 -0.59 23.91
CA GLY A 509 -2.61 -0.29 25.12
C GLY A 509 -2.31 -1.56 25.90
N TYR A 510 -3.09 -2.60 25.62
CA TYR A 510 -2.91 -3.89 26.29
C TYR A 510 -1.73 -4.64 25.69
N LEU A 511 -1.83 -4.97 24.40
CA LEU A 511 -0.81 -5.76 23.71
C LEU A 511 0.55 -5.04 23.69
N GLU A 512 0.54 -3.78 24.08
CA GLU A 512 1.75 -2.99 24.17
C GLU A 512 2.57 -3.32 25.41
N ARG A 513 2.00 -2.98 26.57
CA ARG A 513 2.71 -3.03 27.84
C ARG A 513 2.04 -3.99 28.83
N ASP A 514 0.78 -3.69 29.15
CA ASP A 514 0.06 -4.35 30.23
C ASP A 514 -0.06 -5.86 30.08
N ILE A 515 0.22 -6.38 28.89
CA ILE A 515 0.01 -7.80 28.60
C ILE A 515 1.02 -8.76 29.27
N SER A 516 2.30 -8.42 29.20
CA SER A 516 3.37 -9.31 29.66
C SER A 516 3.36 -9.61 31.17
N GLN A 517 2.72 -8.76 31.95
CA GLN A 517 2.62 -8.96 33.40
C GLN A 517 1.55 -9.98 33.78
N ASP A 518 0.46 -10.01 33.02
CA ASP A 518 -0.66 -10.90 33.32
C ASP A 518 -0.34 -12.39 33.19
N SER A 519 -1.12 -13.22 33.87
CA SER A 519 -1.02 -14.68 33.78
C SER A 519 -1.62 -15.21 32.49
N LEU A 520 -1.18 -16.37 32.06
CA LEU A 520 -1.66 -16.98 30.81
C LEU A 520 -3.16 -17.25 30.78
N GLN A 521 -3.72 -17.67 31.91
CA GLN A 521 -5.14 -17.95 31.98
C GLN A 521 -5.95 -16.65 31.95
N ASP A 522 -5.38 -15.59 32.51
CA ASP A 522 -6.07 -14.32 32.61
C ASP A 522 -6.00 -13.55 31.28
N ILE A 523 -4.83 -13.59 30.63
CA ILE A 523 -4.60 -12.80 29.42
C ILE A 523 -5.56 -13.17 28.27
N LYS A 524 -5.73 -14.47 28.05
CA LYS A 524 -6.56 -14.96 26.94
C LYS A 524 -7.98 -14.42 27.06
N GLN A 525 -8.47 -14.31 28.28
CA GLN A 525 -9.81 -13.78 28.52
C GLN A 525 -9.86 -12.29 28.24
N LYS A 526 -8.79 -11.58 28.63
CA LYS A 526 -8.72 -10.14 28.43
C LYS A 526 -8.57 -9.78 26.95
N VAL A 527 -7.67 -10.47 26.27
CA VAL A 527 -7.49 -10.26 24.83
C VAL A 527 -8.80 -10.49 24.09
N GLN A 528 -9.47 -11.59 24.45
CA GLN A 528 -10.76 -11.95 23.84
C GLN A 528 -11.80 -10.84 23.99
N ASP A 529 -12.22 -10.57 25.22
CA ASP A 529 -13.26 -9.57 25.47
C ASP A 529 -12.90 -8.17 24.95
N LYS A 530 -11.61 -7.89 24.86
CA LYS A 530 -11.15 -6.60 24.32
C LYS A 530 -11.38 -6.50 22.81
N TYR A 531 -10.90 -7.47 22.05
CA TYR A 531 -11.04 -7.40 20.59
C TYR A 531 -12.40 -7.90 20.10
N ARG A 532 -13.20 -8.46 21.01
CA ARG A 532 -14.59 -8.77 20.71
C ARG A 532 -15.36 -7.47 20.56
N TYR A 533 -15.16 -6.56 21.51
CA TYR A 533 -15.78 -5.24 21.47
C TYR A 533 -15.21 -4.41 20.33
N CYS A 534 -13.90 -4.48 20.15
CA CYS A 534 -13.20 -3.78 19.08
C CYS A 534 -13.80 -4.14 17.73
N GLU A 535 -14.05 -5.43 17.53
CA GLU A 535 -14.57 -5.92 16.27
C GLU A 535 -16.05 -5.59 16.11
N SER A 536 -16.80 -5.70 17.22
CA SER A 536 -18.23 -5.41 17.19
C SER A 536 -18.48 -3.95 16.82
N ARG A 537 -17.71 -3.06 17.46
CA ARG A 537 -17.81 -1.62 17.22
C ARG A 537 -17.72 -1.27 15.73
N ARG A 538 -16.71 -1.80 15.08
CA ARG A 538 -16.44 -1.50 13.68
C ARG A 538 -17.65 -1.83 12.80
N ARG A 539 -18.23 -3.00 13.02
CA ARG A 539 -19.41 -3.42 12.27
C ARG A 539 -20.61 -2.56 12.60
N VAL A 540 -20.69 -2.11 13.85
CA VAL A 540 -21.78 -1.22 14.27
C VAL A 540 -21.54 0.20 13.77
N LEU A 541 -20.28 0.61 13.74
CA LEU A 541 -19.89 1.90 13.18
C LEU A 541 -20.32 1.94 11.71
N LEU A 542 -19.83 0.96 10.96
CA LEU A 542 -20.04 0.92 9.52
C LEU A 542 -21.46 0.49 9.14
N GLN A 543 -22.20 -0.02 10.12
CA GLN A 543 -23.59 -0.37 9.91
C GLN A 543 -24.34 0.89 9.49
N HIS A 544 -24.12 1.95 10.28
CA HIS A 544 -24.62 3.28 9.99
C HIS A 544 -24.11 3.76 8.64
N VAL A 545 -22.80 3.89 8.53
CA VAL A 545 -22.16 4.51 7.37
C VAL A 545 -22.60 3.90 6.04
N HIS A 546 -22.92 2.61 6.05
CA HIS A 546 -23.36 1.93 4.84
C HIS A 546 -24.80 2.30 4.47
N GLU A 547 -25.61 2.61 5.47
CA GLU A 547 -26.97 3.08 5.25
C GLU A 547 -27.06 4.60 5.17
N GLY A 548 -25.99 5.29 5.55
CA GLY A 548 -25.97 6.73 5.52
C GLY A 548 -25.78 7.27 4.12
N TYR A 549 -25.17 6.44 3.28
CA TYR A 549 -24.94 6.78 1.88
C TYR A 549 -26.02 6.19 0.97
N GLU A 550 -26.99 5.49 1.56
CA GLU A 550 -28.08 4.90 0.78
C GLU A 550 -29.07 5.96 0.31
N LYS A 551 -29.39 6.89 1.21
CA LYS A 551 -30.23 8.05 0.92
C LYS A 551 -29.50 9.28 1.47
N ASP A 552 -29.18 10.23 0.59
CA ASP A 552 -28.15 11.22 0.90
C ASP A 552 -28.44 12.01 2.17
N LEU A 553 -27.54 11.89 3.14
CA LEU A 553 -27.67 12.59 4.41
C LEU A 553 -26.76 13.80 4.63
N TRP A 554 -25.84 14.07 3.70
CA TRP A 554 -24.72 14.97 4.01
C TRP A 554 -23.73 15.22 2.88
N GLU A 555 -22.96 16.30 3.05
CA GLU A 555 -21.73 16.59 2.31
C GLU A 555 -21.20 17.97 2.69
#